data_6YAZ
#
_entry.id   6YAZ
#
_cell.length_a   40.136
_cell.length_b   43.307
_cell.length_c   83.024
_cell.angle_alpha   101.530
_cell.angle_beta   97.690
_cell.angle_gamma   90.210
#
_symmetry.space_group_name_H-M   'P 1'
#
loop_
_entity.id
_entity.type
_entity.pdbx_description
1 polymer CC-Type2-(TaId)5
2 water water
#
_entity_poly.entity_id   1
_entity_poly.type   'polypeptide(L)'
_entity_poly.pdbx_seq_one_letter_code
;(ACE)GEIAQATKEIAQATKEIAKATKEIAWATKEIAQATKG(NH2)
;
_entity_poly.pdbx_strand_id   A,B,C,D,E,F,G,H,I,J,K,L
#
loop_
_chem_comp.id
_chem_comp.type
_chem_comp.name
_chem_comp.formula
ACE non-polymer 'ACETYL GROUP' 'C2 H4 O'
NH2 non-polymer 'AMINO GROUP' 'H2 N'
#
# COMPACT_ATOMS: atom_id res chain seq x y z
N GLY A 2 33.85 18.73 -23.83
CA GLY A 2 34.76 17.57 -23.93
C GLY A 2 35.11 17.01 -22.56
N GLU A 3 35.52 17.90 -21.64
CA GLU A 3 35.88 17.55 -20.27
C GLU A 3 34.88 16.87 -19.25
N ILE A 4 35.50 15.91 -18.56
CA ILE A 4 34.94 15.23 -17.41
C ILE A 4 34.73 16.24 -16.29
N ALA A 5 35.71 17.13 -16.10
CA ALA A 5 35.63 18.20 -15.11
C ALA A 5 34.42 19.11 -15.34
N GLN A 6 34.18 19.49 -16.61
CA GLN A 6 33.10 20.39 -16.97
C GLN A 6 31.74 19.73 -16.67
N ALA A 7 31.59 18.47 -17.10
CA ALA A 7 30.38 17.72 -16.92
C ALA A 7 30.10 17.48 -15.44
N THR A 8 31.15 17.17 -14.67
CA THR A 8 31.02 16.94 -13.24
C THR A 8 30.57 18.21 -12.51
N LYS A 9 31.12 19.37 -12.88
CA LYS A 9 30.67 20.65 -12.34
C LYS A 9 29.19 20.92 -12.60
N GLU A 10 28.71 20.50 -13.78
CA GLU A 10 27.32 20.70 -14.18
C GLU A 10 26.39 19.79 -13.37
N ILE A 11 26.84 18.56 -13.11
CA ILE A 11 26.13 17.63 -12.27
C ILE A 11 26.02 18.20 -10.85
N ALA A 12 27.14 18.75 -10.34
CA ALA A 12 27.18 19.38 -9.03
C ALA A 12 26.14 20.49 -8.91
N GLN A 13 26.07 21.35 -9.91
CA GLN A 13 25.14 22.49 -9.91
C GLN A 13 23.66 21.99 -9.95
N ALA A 14 23.38 21.00 -10.80
CA ALA A 14 22.06 20.46 -10.96
C ALA A 14 21.60 19.74 -9.67
N THR A 15 22.50 19.00 -9.04
N THR A 15 22.50 19.00 -9.04
CA THR A 15 22.20 18.31 -7.80
CA THR A 15 22.21 18.31 -7.80
C THR A 15 21.91 19.30 -6.67
C THR A 15 21.91 19.30 -6.67
N LYS A 16 22.60 20.45 -6.64
CA LYS A 16 22.27 21.50 -5.69
C LYS A 16 20.86 22.05 -5.89
N GLU A 17 20.46 22.25 -7.14
CA GLU A 17 19.11 22.70 -7.46
C GLU A 17 18.05 21.67 -7.05
N ILE A 18 18.34 20.40 -7.25
CA ILE A 18 17.46 19.30 -6.81
C ILE A 18 17.35 19.31 -5.29
N ALA A 19 18.46 19.52 -4.58
CA ALA A 19 18.43 19.59 -3.13
C ALA A 19 17.48 20.70 -2.65
N LYS A 20 17.60 21.89 -3.25
CA LYS A 20 16.78 23.01 -2.87
C LYS A 20 15.29 22.72 -3.13
N ALA A 21 14.98 22.18 -4.29
CA ALA A 21 13.61 21.88 -4.66
C ALA A 21 13.01 20.77 -3.78
N THR A 22 13.82 19.78 -3.42
CA THR A 22 13.37 18.66 -2.62
CA THR A 22 13.37 18.66 -2.63
C THR A 22 13.04 19.12 -1.21
N LYS A 23 13.84 20.07 -0.69
CA LYS A 23 13.51 20.66 0.60
C LYS A 23 12.17 21.39 0.58
N GLU A 24 11.86 22.07 -0.53
CA GLU A 24 10.55 22.72 -0.64
C GLU A 24 9.39 21.70 -0.75
N ILE A 25 9.63 20.58 -1.44
CA ILE A 25 8.63 19.53 -1.53
C ILE A 25 8.36 18.98 -0.13
N ALA A 26 9.42 18.81 0.67
CA ALA A 26 9.26 18.27 2.01
C ALA A 26 8.41 19.19 2.88
N TRP A 27 8.73 20.49 2.82
CA TRP A 27 7.94 21.47 3.54
C TRP A 27 6.47 21.47 3.12
N ALA A 28 6.23 21.50 1.80
CA ALA A 28 4.87 21.57 1.33
C ALA A 28 4.09 20.27 1.65
N THR A 29 4.75 19.11 1.54
CA THR A 29 4.07 17.84 1.82
CA THR A 29 4.07 17.84 1.83
C THR A 29 3.71 17.73 3.31
N LYS A 30 4.60 18.23 4.18
N LYS A 30 4.60 18.23 4.18
CA LYS A 30 4.28 18.30 5.60
CA LYS A 30 4.28 18.29 5.60
C LYS A 30 3.07 19.17 5.88
C LYS A 30 3.07 19.17 5.88
N GLU A 31 2.96 20.31 5.17
CA GLU A 31 1.80 21.16 5.37
C GLU A 31 0.52 20.43 4.90
N ILE A 32 0.61 19.71 3.77
CA ILE A 32 -0.55 18.98 3.29
C ILE A 32 -0.93 17.92 4.32
N ALA A 33 0.06 17.18 4.85
CA ALA A 33 -0.22 16.12 5.82
C ALA A 33 -0.89 16.64 7.05
N GLN A 34 -0.45 17.82 7.52
CA GLN A 34 -1.00 18.39 8.74
C GLN A 34 -2.44 18.82 8.53
N ALA A 35 -2.76 19.37 7.35
CA ALA A 35 -4.13 19.74 7.03
C ALA A 35 -5.08 18.51 6.91
N THR A 36 -4.58 17.40 6.33
N THR A 36 -4.57 17.41 6.34
CA THR A 36 -5.41 16.20 6.13
CA THR A 36 -5.40 16.19 6.12
C THR A 36 -5.79 15.55 7.47
C THR A 36 -5.79 15.55 7.47
N LYS A 37 -5.26 16.13 8.57
CA LYS A 37 -5.49 15.66 9.94
C LYS A 37 -4.88 14.27 10.18
N GLY B 2 36.01 10.38 -25.24
CA GLY B 2 36.00 8.98 -24.73
C GLY B 2 34.65 8.56 -24.13
N GLU B 3 34.62 7.35 -23.57
CA GLU B 3 33.44 6.66 -23.08
C GLU B 3 32.93 7.17 -21.73
N ILE B 4 33.85 7.41 -20.80
CA ILE B 4 33.55 7.98 -19.50
C ILE B 4 33.04 9.41 -19.70
N ALA B 5 33.70 10.14 -20.60
CA ALA B 5 33.31 11.51 -20.95
C ALA B 5 31.88 11.58 -21.50
N GLN B 6 31.53 10.63 -22.37
CA GLN B 6 30.23 10.58 -23.00
C GLN B 6 29.13 10.32 -21.96
N ALA B 7 29.37 9.32 -21.11
CA ALA B 7 28.42 8.91 -20.09
C ALA B 7 28.24 10.03 -19.06
N THR B 8 29.33 10.70 -18.70
CA THR B 8 29.28 11.80 -17.75
C THR B 8 28.46 12.98 -18.29
N LYS B 9 28.65 13.30 -19.57
CA LYS B 9 27.84 14.32 -20.24
C LYS B 9 26.35 13.99 -20.21
N GLU B 10 26.02 12.70 -20.36
CA GLU B 10 24.64 12.25 -20.38
C GLU B 10 24.00 12.35 -19.00
N ILE B 11 24.79 12.03 -17.96
CA ILE B 11 24.37 12.18 -16.58
C ILE B 11 24.09 13.66 -16.31
N ALA B 12 25.00 14.52 -16.76
CA ALA B 12 24.84 15.98 -16.59
C ALA B 12 23.53 16.47 -17.18
N GLN B 13 23.22 16.03 -18.40
CA GLN B 13 22.01 16.45 -19.11
C GLN B 13 20.74 15.95 -18.38
N ALA B 14 20.76 14.68 -17.95
CA ALA B 14 19.63 14.07 -17.29
C ALA B 14 19.38 14.73 -15.92
N THR B 15 20.46 15.02 -15.19
N THR B 15 20.46 15.02 -15.19
CA THR B 15 20.34 15.67 -13.90
CA THR B 15 20.34 15.67 -13.90
C THR B 15 19.78 17.09 -14.02
C THR B 15 19.78 17.09 -14.02
N LYS B 16 20.12 17.81 -15.09
CA LYS B 16 19.51 19.11 -15.36
C LYS B 16 18.00 19.00 -15.58
N GLU B 17 17.56 17.97 -16.32
CA GLU B 17 16.15 17.75 -16.56
C GLU B 17 15.42 17.37 -15.26
N ILE B 18 16.05 16.59 -14.40
CA ILE B 18 15.53 16.26 -13.08
C ILE B 18 15.38 17.53 -12.25
N ALA B 19 16.39 18.41 -12.29
CA ALA B 19 16.30 19.67 -11.57
C ALA B 19 15.09 20.50 -11.98
N LYS B 20 14.89 20.63 -13.29
CA LYS B 20 13.79 21.40 -13.82
C LYS B 20 12.43 20.79 -13.40
N ALA B 21 12.30 19.46 -13.50
CA ALA B 21 11.06 18.82 -13.16
C ALA B 21 10.77 18.90 -11.66
N THR B 22 11.82 18.78 -10.84
CA THR B 22 11.66 18.79 -9.41
CA THR B 22 11.66 18.79 -9.41
C THR B 22 11.22 20.18 -8.93
N LYS B 23 11.73 21.22 -9.58
CA LYS B 23 11.26 22.57 -9.29
C LYS B 23 9.79 22.76 -9.60
N GLU B 24 9.31 22.16 -10.70
CA GLU B 24 7.87 22.20 -10.99
C GLU B 24 7.03 21.41 -9.97
N ILE B 25 7.54 20.28 -9.49
CA ILE B 25 6.84 19.52 -8.47
C ILE B 25 6.73 20.37 -7.20
N ALA B 26 7.81 21.08 -6.87
CA ALA B 26 7.81 21.91 -5.67
C ALA B 26 6.78 23.00 -5.78
N TRP B 27 6.74 23.68 -6.92
N TRP B 27 6.74 23.68 -6.93
CA TRP B 27 5.73 24.70 -7.17
CA TRP B 27 5.74 24.70 -7.17
C TRP B 27 4.33 24.18 -7.07
C TRP B 27 4.33 24.17 -7.08
N ALA B 28 4.05 23.05 -7.75
CA ALA B 28 2.72 22.51 -7.73
C ALA B 28 2.31 22.00 -6.31
N THR B 29 3.23 21.42 -5.58
CA THR B 29 2.94 20.93 -4.22
CA THR B 29 2.94 20.93 -4.22
C THR B 29 2.66 22.10 -3.27
N LYS B 30 3.40 23.20 -3.45
CA LYS B 30 3.10 24.43 -2.69
C LYS B 30 1.71 24.96 -3.00
N GLU B 31 1.29 24.91 -4.27
CA GLU B 31 -0.06 25.35 -4.59
C GLU B 31 -1.09 24.43 -3.94
N ILE B 32 -0.83 23.12 -3.94
CA ILE B 32 -1.75 22.18 -3.28
C ILE B 32 -1.82 22.50 -1.81
N ALA B 33 -0.68 22.74 -1.17
CA ALA B 33 -0.66 23.09 0.28
C ALA B 33 -1.49 24.35 0.57
N GLN B 34 -1.37 25.35 -0.30
CA GLN B 34 -2.07 26.62 -0.11
C GLN B 34 -3.58 26.44 -0.28
N ALA B 35 -4.02 25.58 -1.22
CA ALA B 35 -5.43 25.27 -1.37
C ALA B 35 -6.01 24.51 -0.16
N THR B 36 -5.23 23.58 0.43
CA THR B 36 -5.72 22.78 1.56
C THR B 36 -5.92 23.65 2.81
N LYS B 37 -5.58 24.94 2.69
CA LYS B 37 -5.64 25.95 3.74
C LYS B 37 -4.64 25.62 4.86
N GLY C 2 37.47 -0.06 -18.04
CA GLY C 2 36.39 -0.98 -18.46
C GLY C 2 35.22 -0.96 -17.47
N GLU C 3 35.55 -1.12 -16.19
CA GLU C 3 34.58 -1.31 -15.09
C GLU C 3 33.89 -0.01 -14.64
N ILE C 4 34.70 1.04 -14.49
CA ILE C 4 34.22 2.37 -14.16
C ILE C 4 33.36 2.90 -15.31
N ALA C 5 33.83 2.65 -16.54
CA ALA C 5 33.08 3.01 -17.75
C ALA C 5 31.70 2.36 -17.81
N GLN C 6 31.64 1.07 -17.48
CA GLN C 6 30.40 0.30 -17.52
C GLN C 6 29.40 0.85 -16.48
N ALA C 7 29.87 1.07 -15.26
CA ALA C 7 29.05 1.54 -14.16
C ALA C 7 28.56 2.97 -14.45
N THR C 8 29.42 3.81 -15.03
CA THR C 8 29.06 5.17 -15.37
C THR C 8 27.96 5.20 -16.46
N LYS C 9 28.08 4.33 -17.46
CA LYS C 9 27.04 4.17 -18.49
C LYS C 9 25.69 3.76 -17.89
N GLU C 10 25.73 2.91 -16.85
CA GLU C 10 24.52 2.42 -16.20
C GLU C 10 23.86 3.54 -15.38
N ILE C 11 24.68 4.38 -14.74
CA ILE C 11 24.19 5.53 -14.02
C ILE C 11 23.52 6.48 -15.00
N ALA C 12 24.17 6.72 -16.16
CA ALA C 12 23.62 7.57 -17.21
C ALA C 12 22.22 7.12 -17.63
N GLN C 13 22.07 5.81 -17.87
CA GLN C 13 20.81 5.24 -18.33
C GLN C 13 19.72 5.37 -17.24
N ALA C 14 20.08 5.07 -16.00
CA ALA C 14 19.14 5.12 -14.90
C ALA C 14 18.70 6.57 -14.64
N THR C 15 19.63 7.51 -14.70
CA THR C 15 19.30 8.92 -14.50
C THR C 15 18.37 9.44 -15.60
N LYS C 16 18.52 8.96 -16.84
CA LYS C 16 17.58 9.30 -17.90
C LYS C 16 16.17 8.80 -17.59
N GLU C 17 16.05 7.58 -17.07
CA GLU C 17 14.77 7.03 -16.69
C GLU C 17 14.13 7.81 -15.52
N ILE C 18 14.95 8.26 -14.57
CA ILE C 18 14.49 9.11 -13.49
C ILE C 18 13.99 10.44 -14.02
N ALA C 19 14.71 11.01 -14.99
CA ALA C 19 14.28 12.26 -15.61
C ALA C 19 12.89 12.13 -16.24
N LYS C 20 12.68 11.06 -17.00
CA LYS C 20 11.42 10.83 -17.66
C LYS C 20 10.28 10.67 -16.63
N ALA C 21 10.52 9.87 -15.58
CA ALA C 21 9.50 9.63 -14.57
C ALA C 21 9.18 10.91 -13.77
N THR C 22 10.20 11.70 -13.51
CA THR C 22 10.04 12.91 -12.73
C THR C 22 9.23 13.95 -13.50
N LYS C 23 9.43 14.00 -14.83
CA LYS C 23 8.59 14.84 -15.66
C LYS C 23 7.15 14.44 -15.63
N GLU C 24 6.86 13.14 -15.60
CA GLU C 24 5.46 12.69 -15.46
C GLU C 24 4.86 13.03 -14.08
N ILE C 25 5.66 12.96 -13.02
CA ILE C 25 5.19 13.34 -11.71
C ILE C 25 4.85 14.83 -11.72
N ALA C 26 5.68 15.64 -12.38
CA ALA C 26 5.44 17.09 -12.43
C ALA C 26 4.16 17.38 -13.15
N TRP C 27 3.92 16.72 -14.29
CA TRP C 27 2.69 16.88 -15.03
C TRP C 27 1.47 16.49 -14.20
N ALA C 28 1.52 15.32 -13.55
CA ALA C 28 0.40 14.87 -12.77
C ALA C 28 0.14 15.78 -11.53
N THR C 29 1.20 16.25 -10.89
N THR C 29 1.20 16.25 -10.89
CA THR C 29 1.04 17.11 -9.70
CA THR C 29 1.05 17.11 -9.71
C THR C 29 0.45 18.48 -10.11
C THR C 29 0.45 18.48 -10.11
N LYS C 30 0.85 18.98 -11.27
CA LYS C 30 0.22 20.19 -11.81
C LYS C 30 -1.26 19.99 -12.10
N GLU C 31 -1.65 18.81 -12.61
CA GLU C 31 -3.06 18.55 -12.81
C GLU C 31 -3.81 18.53 -11.48
N ILE C 32 -3.20 17.91 -10.45
CA ILE C 32 -3.83 17.90 -9.13
C ILE C 32 -4.01 19.33 -8.63
N ALA C 33 -2.96 20.15 -8.76
CA ALA C 33 -3.04 21.55 -8.30
C ALA C 33 -4.15 22.32 -9.00
N GLN C 34 -4.30 22.09 -10.31
CA GLN C 34 -5.30 22.81 -11.10
C GLN C 34 -6.71 22.39 -10.70
N ALA C 35 -6.91 21.09 -10.40
CA ALA C 35 -8.21 20.60 -9.92
C ALA C 35 -8.57 21.16 -8.54
N THR C 36 -7.59 21.28 -7.63
CA THR C 36 -7.85 21.77 -6.27
C THR C 36 -8.27 23.24 -6.27
N LYS C 37 -8.29 23.85 -7.46
CA LYS C 37 -8.76 25.22 -7.69
C LYS C 37 -9.25 25.31 -9.14
N GLY D 2 38.97 -2.48 -8.62
CA GLY D 2 39.16 -1.03 -8.68
C GLY D 2 39.26 -0.36 -7.34
N GLU D 3 38.47 -0.81 -6.35
CA GLU D 3 38.12 -0.06 -5.12
C GLU D 3 37.38 1.27 -5.28
N ILE D 4 37.88 2.07 -6.19
CA ILE D 4 37.16 3.31 -6.64
C ILE D 4 35.86 2.87 -7.38
N ALA D 5 36.06 1.87 -8.25
CA ALA D 5 35.08 1.13 -9.00
C ALA D 5 33.94 0.60 -8.18
N GLN D 6 34.22 0.12 -6.95
CA GLN D 6 33.23 -0.43 -6.05
C GLN D 6 32.12 0.58 -5.73
N ALA D 7 32.52 1.79 -5.35
CA ALA D 7 31.61 2.86 -5.03
C ALA D 7 30.70 3.24 -6.20
N THR D 8 31.30 3.32 -7.37
CA THR D 8 30.57 3.67 -8.61
C THR D 8 29.54 2.59 -8.96
N LYS D 9 29.91 1.31 -8.80
CA LYS D 9 28.98 0.20 -8.98
C LYS D 9 27.77 0.30 -8.04
N GLU D 10 28.01 0.74 -6.80
CA GLU D 10 26.97 0.86 -5.79
C GLU D 10 26.02 2.02 -6.13
N ILE D 11 26.58 3.12 -6.65
CA ILE D 11 25.79 4.25 -7.11
C ILE D 11 24.90 3.79 -8.27
N ALA D 12 25.48 3.03 -9.21
CA ALA D 12 24.74 2.49 -10.34
C ALA D 12 23.52 1.68 -9.89
N GLN D 13 23.73 0.78 -8.91
CA GLN D 13 22.68 -0.07 -8.40
C GLN D 13 21.56 0.75 -7.71
N ALA D 14 21.98 1.71 -6.88
CA ALA D 14 21.06 2.55 -6.13
C ALA D 14 20.23 3.43 -7.09
N THR D 15 20.87 3.98 -8.13
CA THR D 15 20.19 4.79 -9.10
C THR D 15 19.15 3.99 -9.90
N LYS D 16 19.44 2.71 -10.18
CA LYS D 16 18.46 1.84 -10.80
C LYS D 16 17.23 1.63 -9.91
N GLU D 17 17.44 1.46 -8.60
CA GLU D 17 16.35 1.31 -7.66
C GLU D 17 15.50 2.59 -7.55
N ILE D 18 16.17 3.76 -7.61
CA ILE D 18 15.48 5.03 -7.63
C ILE D 18 14.64 5.17 -8.90
N ALA D 19 15.19 4.75 -10.05
CA ALA D 19 14.45 4.77 -11.29
C ALA D 19 13.14 3.97 -11.19
N LYS D 20 13.24 2.75 -10.67
CA LYS D 20 12.10 1.88 -10.55
C LYS D 20 11.03 2.51 -9.60
N ALA D 21 11.47 3.03 -8.46
CA ALA D 21 10.55 3.62 -7.51
C ALA D 21 9.90 4.90 -8.06
N THR D 22 10.66 5.69 -8.81
CA THR D 22 10.16 6.93 -9.35
CA THR D 22 10.16 6.93 -9.35
C THR D 22 9.09 6.67 -10.41
N LYS D 23 9.29 5.60 -11.19
CA LYS D 23 8.24 5.19 -12.13
C LYS D 23 6.95 4.80 -11.43
N GLU D 24 7.05 4.13 -10.28
CA GLU D 24 5.85 3.80 -9.52
C GLU D 24 5.16 5.05 -8.93
N ILE D 25 5.94 6.04 -8.51
CA ILE D 25 5.38 7.29 -8.00
C ILE D 25 4.62 7.97 -9.14
N ALA D 26 5.20 7.94 -10.35
CA ALA D 26 4.56 8.60 -11.49
C ALA D 26 3.22 7.95 -11.80
N TRP D 27 3.19 6.62 -11.82
CA TRP D 27 1.96 5.91 -12.02
C TRP D 27 0.91 6.22 -10.99
N ALA D 28 1.30 6.16 -9.70
CA ALA D 28 0.36 6.39 -8.66
C ALA D 28 -0.15 7.86 -8.62
N THR D 29 0.74 8.81 -8.91
CA THR D 29 0.35 10.22 -8.90
CA THR D 29 0.34 10.23 -8.91
C THR D 29 -0.64 10.52 -10.05
N LYS D 30 -0.40 9.88 -11.21
CA LYS D 30 -1.36 10.01 -12.30
C LYS D 30 -2.72 9.45 -11.94
N GLU D 31 -2.76 8.33 -11.22
CA GLU D 31 -4.05 7.79 -10.80
C GLU D 31 -4.75 8.75 -9.84
N ILE D 32 -3.97 9.34 -8.92
CA ILE D 32 -4.55 10.30 -7.99
C ILE D 32 -5.12 11.48 -8.77
N ALA D 33 -4.35 12.01 -9.72
CA ALA D 33 -4.79 13.17 -10.51
C ALA D 33 -6.07 12.89 -11.27
N GLN D 34 -6.20 11.67 -11.82
CA GLN D 34 -7.37 11.32 -12.60
C GLN D 34 -8.60 11.22 -11.71
N ALA D 35 -8.45 10.68 -10.49
CA ALA D 35 -9.55 10.62 -9.55
C ALA D 35 -10.00 12.02 -9.04
N THR D 36 -9.05 12.93 -8.84
CA THR D 36 -9.36 14.29 -8.32
C THR D 36 -10.16 15.10 -9.34
N LYS D 37 -10.38 14.49 -10.51
CA LYS D 37 -11.14 15.15 -11.61
C LYS D 37 -10.33 16.33 -12.16
N GLY E 2 42.54 9.40 -2.80
CA GLY E 2 42.02 9.33 -1.39
C GLY E 2 40.74 10.14 -1.24
N GLU E 3 40.76 11.38 -1.74
CA GLU E 3 39.68 12.35 -1.61
C GLU E 3 38.51 12.14 -2.54
N ILE E 4 38.80 11.79 -3.80
CA ILE E 4 37.79 11.43 -4.79
C ILE E 4 37.09 10.14 -4.33
N ALA E 5 37.89 9.18 -3.84
CA ALA E 5 37.38 7.93 -3.30
C ALA E 5 36.42 8.14 -2.13
N GLN E 6 36.78 9.06 -1.22
CA GLN E 6 35.98 9.35 -0.05
C GLN E 6 34.64 9.97 -0.44
N ALA E 7 34.69 10.96 -1.33
CA ALA E 7 33.50 11.67 -1.79
C ALA E 7 32.58 10.73 -2.56
N THR E 8 33.16 9.85 -3.38
CA THR E 8 32.39 8.89 -4.15
C THR E 8 31.68 7.88 -3.23
N LYS E 9 32.36 7.41 -2.19
CA LYS E 9 31.73 6.57 -1.15
C LYS E 9 30.55 7.25 -0.47
N GLU E 10 30.66 8.56 -0.24
CA GLU E 10 29.62 9.33 0.42
C GLU E 10 28.40 9.49 -0.50
N ILE E 11 28.65 9.69 -1.79
CA ILE E 11 27.60 9.75 -2.78
C ILE E 11 26.87 8.41 -2.83
N ALA E 12 27.64 7.31 -2.83
CA ALA E 12 27.08 5.96 -2.82
C ALA E 12 26.13 5.75 -1.65
N GLN E 13 26.56 6.15 -0.45
CA GLN E 13 25.77 5.98 0.77
C GLN E 13 24.48 6.83 0.72
N ALA E 14 24.60 8.08 0.28
CA ALA E 14 23.49 8.99 0.21
C ALA E 14 22.45 8.52 -0.84
N THR E 15 22.94 8.01 -1.98
N THR E 15 22.94 8.01 -1.98
CA THR E 15 22.07 7.51 -3.02
CA THR E 15 22.07 7.50 -3.01
C THR E 15 21.31 6.26 -2.55
C THR E 15 21.31 6.26 -2.55
N LYS E 16 21.94 5.41 -1.73
CA LYS E 16 21.25 4.28 -1.12
C LYS E 16 20.11 4.74 -0.19
N GLU E 17 20.35 5.79 0.60
CA GLU E 17 19.33 6.33 1.47
C GLU E 17 18.17 6.95 0.67
N ILE E 18 18.47 7.60 -0.46
CA ILE E 18 17.46 8.12 -1.35
C ILE E 18 16.65 6.97 -1.95
N ALA E 19 17.31 5.89 -2.35
CA ALA E 19 16.61 4.72 -2.87
C ALA E 19 15.59 4.18 -1.87
N LYS E 20 16.01 4.02 -0.62
CA LYS E 20 15.14 3.49 0.40
C LYS E 20 13.95 4.42 0.65
N ALA E 21 14.20 5.73 0.73
CA ALA E 21 13.12 6.68 0.98
C ALA E 21 12.15 6.76 -0.20
N THR E 22 12.68 6.66 -1.41
CA THR E 22 11.87 6.78 -2.61
CA THR E 22 11.88 6.76 -2.61
C THR E 22 10.94 5.56 -2.73
N LYS E 23 11.44 4.39 -2.33
CA LYS E 23 10.58 3.22 -2.28
C LYS E 23 9.43 3.38 -1.29
N GLU E 24 9.69 4.02 -0.14
CA GLU E 24 8.62 4.30 0.81
C GLU E 24 7.59 5.33 0.28
N ILE E 25 8.06 6.32 -0.48
CA ILE E 25 7.16 7.29 -1.09
C ILE E 25 6.27 6.56 -2.09
N ALA E 26 6.86 5.63 -2.86
CA ALA E 26 6.09 4.89 -3.86
C ALA E 26 5.01 4.08 -3.19
N TRP E 27 5.36 3.38 -2.11
N TRP E 27 5.36 3.38 -2.11
CA TRP E 27 4.38 2.62 -1.35
CA TRP E 27 4.38 2.61 -1.36
C TRP E 27 3.27 3.47 -0.82
C TRP E 27 3.27 3.47 -0.82
N ALA E 28 3.62 4.59 -0.17
CA ALA E 28 2.60 5.45 0.41
C ALA E 28 1.71 6.10 -0.68
N THR E 29 2.28 6.49 -1.80
CA THR E 29 1.52 7.12 -2.88
CA THR E 29 1.52 7.11 -2.88
C THR E 29 0.54 6.10 -3.51
N LYS E 30 0.98 4.85 -3.64
CA LYS E 30 0.08 3.78 -4.09
C LYS E 30 -1.06 3.58 -3.13
N GLU E 31 -0.81 3.65 -1.81
CA GLU E 31 -1.92 3.52 -0.87
C GLU E 31 -2.88 4.71 -1.01
N ILE E 32 -2.35 5.91 -1.20
CA ILE E 32 -3.20 7.08 -1.41
C ILE E 32 -4.05 6.87 -2.66
N ALA E 33 -3.44 6.41 -3.74
CA ALA E 33 -4.19 6.16 -4.99
C ALA E 33 -5.33 5.14 -4.78
N GLN E 34 -5.04 4.10 -4.01
CA GLN E 34 -6.03 3.05 -3.75
C GLN E 34 -7.20 3.58 -2.90
N ALA E 35 -6.92 4.46 -1.95
CA ALA E 35 -7.96 5.10 -1.14
C ALA E 35 -8.85 6.05 -1.96
N THR E 36 -8.25 6.79 -2.91
CA THR E 36 -9.00 7.76 -3.73
C THR E 36 -9.96 7.05 -4.68
N LYS E 37 -9.80 5.72 -4.78
CA LYS E 37 -10.77 4.84 -5.44
C LYS E 37 -12.02 4.65 -4.57
N GLY E 38 -12.66 5.77 -4.23
CA GLY E 38 -13.93 5.80 -3.54
C GLY E 38 -15.04 5.62 -4.55
N GLY F 2 42.04 17.91 -9.10
CA GLY F 2 41.71 19.10 -8.24
C GLY F 2 40.27 19.57 -8.46
N GLU F 3 39.92 19.75 -9.72
CA GLU F 3 38.62 20.25 -10.18
C GLU F 3 37.48 19.22 -10.12
N ILE F 4 37.79 17.98 -10.55
CA ILE F 4 36.91 16.84 -10.47
C ILE F 4 36.68 16.51 -9.00
N ALA F 5 37.74 16.55 -8.20
CA ALA F 5 37.65 16.34 -6.76
C ALA F 5 36.71 17.32 -6.07
N GLN F 6 36.82 18.61 -6.44
CA GLN F 6 36.01 19.67 -5.86
C GLN F 6 34.53 19.45 -6.18
N ALA F 7 34.25 19.19 -7.47
CA ALA F 7 32.90 19.00 -7.95
C ALA F 7 32.27 17.76 -7.34
N THR F 8 33.06 16.68 -7.21
CA THR F 8 32.59 15.45 -6.61
C THR F 8 32.23 15.64 -5.13
N LYS F 9 33.04 16.39 -4.39
CA LYS F 9 32.73 16.74 -3.00
C LYS F 9 31.39 17.49 -2.88
N GLU F 10 31.13 18.38 -3.85
CA GLU F 10 29.94 19.20 -3.85
C GLU F 10 28.69 18.32 -4.15
N ILE F 11 28.85 17.36 -5.06
CA ILE F 11 27.81 16.41 -5.36
C ILE F 11 27.51 15.58 -4.12
N ALA F 12 28.55 15.12 -3.42
CA ALA F 12 28.40 14.36 -2.19
C ALA F 12 27.55 15.12 -1.16
N GLN F 13 27.86 16.40 -0.96
CA GLN F 13 27.15 17.23 0.01
C GLN F 13 25.66 17.41 -0.40
N ALA F 14 25.44 17.70 -1.67
CA ALA F 14 24.10 17.94 -2.19
C ALA F 14 23.24 16.66 -2.11
N THR F 15 23.84 15.51 -2.43
N THR F 15 23.84 15.51 -2.43
CA THR F 15 23.15 14.25 -2.35
CA THR F 15 23.15 14.24 -2.36
C THR F 15 22.76 13.90 -0.91
C THR F 15 22.76 13.89 -0.92
N LYS F 16 23.61 14.25 0.07
CA LYS F 16 23.24 14.09 1.46
C LYS F 16 22.02 14.93 1.85
N GLU F 17 21.96 16.16 1.37
CA GLU F 17 20.82 17.04 1.62
C GLU F 17 19.53 16.50 0.95
N ILE F 18 19.66 15.93 -0.24
CA ILE F 18 18.55 15.29 -0.93
C ILE F 18 18.07 14.07 -0.14
N ALA F 19 19.01 13.29 0.41
CA ALA F 19 18.64 12.14 1.23
C ALA F 19 17.80 12.56 2.43
N LYS F 20 18.23 13.60 3.14
CA LYS F 20 17.53 14.08 4.30
C LYS F 20 16.11 14.57 3.92
N ALA F 21 16.01 15.34 2.84
CA ALA F 21 14.73 15.87 2.42
C ALA F 21 13.77 14.75 1.95
N THR F 22 14.33 13.75 1.28
CA THR F 22 13.53 12.67 0.73
C THR F 22 12.96 11.82 1.86
N LYS F 23 13.74 11.64 2.93
CA LYS F 23 13.24 10.96 4.11
C LYS F 23 12.08 11.70 4.75
N GLU F 24 12.12 13.03 4.78
CA GLU F 24 10.99 13.79 5.27
C GLU F 24 9.75 13.70 4.38
N ILE F 25 9.95 13.64 3.05
CA ILE F 25 8.83 13.49 2.13
C ILE F 25 8.17 12.11 2.41
N ALA F 26 9.01 11.08 2.64
CA ALA F 26 8.48 9.77 2.88
C ALA F 26 7.65 9.73 4.15
N TRP F 27 8.17 10.33 5.22
CA TRP F 27 7.43 10.43 6.45
C TRP F 27 6.09 11.17 6.29
N ALA F 28 6.12 12.31 5.64
CA ALA F 28 4.91 13.08 5.47
C ALA F 28 3.87 12.36 4.56
N THR F 29 4.35 11.70 3.50
CA THR F 29 3.45 10.98 2.59
CA THR F 29 3.45 10.98 2.61
C THR F 29 2.81 9.77 3.31
N LYS F 30 3.59 9.11 4.16
CA LYS F 30 3.02 8.03 5.00
C LYS F 30 1.97 8.55 5.95
N GLU F 31 2.16 9.74 6.53
CA GLU F 31 1.11 10.30 7.38
C GLU F 31 -0.14 10.60 6.56
N ILE F 32 0.02 11.12 5.33
CA ILE F 32 -1.14 11.36 4.49
C ILE F 32 -1.87 10.06 4.21
N ALA F 33 -1.11 9.01 3.86
CA ALA F 33 -1.72 7.70 3.57
C ALA F 33 -2.51 7.16 4.78
N GLN F 34 -1.95 7.33 5.97
CA GLN F 34 -2.58 6.82 7.19
C GLN F 34 -3.86 7.57 7.51
N ALA F 35 -3.87 8.89 7.27
CA ALA F 35 -5.09 9.69 7.45
C ALA F 35 -6.19 9.32 6.45
N THR F 36 -5.83 9.04 5.20
CA THR F 36 -6.82 8.74 4.14
C THR F 36 -7.51 7.39 4.43
N LYS F 37 -7.07 6.70 5.50
CA LYS F 37 -7.51 5.39 5.91
C LYS F 37 -7.36 4.28 4.87
N GLY G 2 -40.41 -18.72 15.77
CA GLY G 2 -39.69 -19.98 16.14
C GLY G 2 -38.51 -20.24 15.22
N GLU G 3 -38.76 -20.16 13.90
CA GLU G 3 -37.80 -20.55 12.86
C GLU G 3 -36.70 -19.52 12.61
N ILE G 4 -37.10 -18.22 12.56
CA ILE G 4 -36.22 -17.10 12.44
C ILE G 4 -35.36 -17.02 13.68
N ALA G 5 -35.96 -17.22 14.85
CA ALA G 5 -35.26 -17.25 16.13
C ALA G 5 -34.16 -18.32 16.17
N GLN G 6 -34.49 -19.52 15.67
CA GLN G 6 -33.55 -20.64 15.67
C GLN G 6 -32.35 -20.33 14.76
N ALA G 7 -32.63 -19.85 13.55
CA ALA G 7 -31.62 -19.54 12.57
C ALA G 7 -30.74 -18.39 13.05
N THR G 8 -31.33 -17.39 13.70
CA THR G 8 -30.59 -16.26 14.24
C THR G 8 -29.64 -16.69 15.34
N LYS G 9 -30.09 -17.58 16.23
CA LYS G 9 -29.22 -18.17 17.25
C LYS G 9 -27.99 -18.89 16.64
N GLU G 10 -28.22 -19.57 15.51
CA GLU G 10 -27.17 -20.33 14.85
C GLU G 10 -26.15 -19.38 14.20
N ILE G 11 -26.65 -18.28 13.63
CA ILE G 11 -25.81 -17.24 13.06
C ILE G 11 -24.96 -16.64 14.16
N ALA G 12 -25.57 -16.35 15.31
CA ALA G 12 -24.86 -15.80 16.47
C ALA G 12 -23.68 -16.69 16.87
N GLN G 13 -23.93 -18.00 16.97
CA GLN G 13 -22.90 -18.95 17.37
C GLN G 13 -21.75 -19.00 16.32
N ALA G 14 -22.11 -19.06 15.04
CA ALA G 14 -21.15 -19.16 13.97
C ALA G 14 -20.30 -17.86 13.89
N THR G 15 -20.92 -16.70 14.06
N THR G 15 -20.92 -16.70 14.06
CA THR G 15 -20.23 -15.45 14.03
CA THR G 15 -20.23 -15.44 14.02
C THR G 15 -19.24 -15.32 15.19
C THR G 15 -19.24 -15.32 15.19
N LYS G 16 -19.57 -15.87 16.37
CA LYS G 16 -18.62 -15.93 17.47
C LYS G 16 -17.39 -16.77 17.14
N GLU G 17 -17.59 -17.91 16.47
CA GLU G 17 -16.50 -18.76 16.06
C GLU G 17 -15.61 -18.06 14.99
N ILE G 18 -16.23 -17.32 14.08
CA ILE G 18 -15.52 -16.52 13.10
C ILE G 18 -14.70 -15.43 13.79
N ALA G 19 -15.26 -14.78 14.81
CA ALA G 19 -14.53 -13.78 15.58
C ALA G 19 -13.27 -14.36 16.19
N LYS G 20 -13.39 -15.52 16.83
CA LYS G 20 -12.27 -16.15 17.47
C LYS G 20 -11.19 -16.52 16.44
N ALA G 21 -11.60 -17.10 15.31
CA ALA G 21 -10.63 -17.51 14.31
C ALA G 21 -9.94 -16.29 13.67
N THR G 22 -10.69 -15.22 13.46
CA THR G 22 -10.17 -14.04 12.82
CA THR G 22 -10.17 -14.04 12.82
C THR G 22 -9.13 -13.36 13.71
N LYS G 23 -9.36 -13.39 15.02
CA LYS G 23 -8.35 -12.90 15.96
C LYS G 23 -7.07 -13.69 15.90
N GLU G 24 -7.16 -15.02 15.73
CA GLU G 24 -5.97 -15.84 15.56
C GLU G 24 -5.23 -15.54 14.24
N ILE G 25 -5.98 -15.27 13.16
CA ILE G 25 -5.36 -14.92 11.89
C ILE G 25 -4.59 -13.61 12.07
N ALA G 26 -5.21 -12.66 12.79
CA ALA G 26 -4.56 -11.37 12.98
C ALA G 26 -3.28 -11.51 13.75
N TRP G 27 -3.30 -12.31 14.83
CA TRP G 27 -2.11 -12.58 15.59
C TRP G 27 -1.02 -13.21 14.78
N ALA G 28 -1.37 -14.26 14.02
CA ALA G 28 -0.37 -14.94 13.24
C ALA G 28 0.19 -14.06 12.08
N THR G 29 -0.66 -13.25 11.46
CA THR G 29 -0.22 -12.36 10.38
CA THR G 29 -0.22 -12.36 10.38
C THR G 29 0.73 -11.27 10.92
N LYS G 30 0.43 -10.77 12.13
CA LYS G 30 1.34 -9.84 12.79
C LYS G 30 2.70 -10.47 13.09
N GLU G 31 2.70 -11.75 13.49
CA GLU G 31 4.00 -12.41 13.69
C GLU G 31 4.73 -12.57 12.37
N ILE G 32 4.02 -12.90 11.30
CA ILE G 32 4.67 -13.00 9.97
C ILE G 32 5.26 -11.67 9.60
N ALA G 33 4.50 -10.57 9.80
CA ALA G 33 5.01 -9.24 9.46
C ALA G 33 6.30 -8.91 10.23
N GLN G 34 6.32 -9.28 11.51
CA GLN G 34 7.47 -9.00 12.37
C GLN G 34 8.70 -9.81 11.93
N ALA G 35 8.50 -11.07 11.50
CA ALA G 35 9.59 -11.89 10.97
C ALA G 35 10.16 -11.33 9.65
N THR G 36 9.29 -10.81 8.76
CA THR G 36 9.73 -10.30 7.45
C THR G 36 10.58 -9.03 7.62
N LYS G 37 10.76 -8.59 8.87
CA LYS G 37 11.49 -7.40 9.28
C LYS G 37 10.87 -6.14 8.77
N GLY H 2 -41.85 -19.26 5.93
CA GLY H 2 -41.82 -17.94 5.24
C GLY H 2 -40.53 -17.66 4.47
N GLU H 3 -40.50 -16.49 3.84
CA GLU H 3 -39.41 -16.02 2.95
C GLU H 3 -38.17 -15.53 3.72
N ILE H 4 -38.41 -14.74 4.77
CA ILE H 4 -37.40 -14.24 5.67
C ILE H 4 -36.79 -15.42 6.41
N ALA H 5 -37.64 -16.36 6.85
CA ALA H 5 -37.20 -17.58 7.52
C ALA H 5 -36.26 -18.42 6.65
N GLN H 6 -36.61 -18.55 5.36
CA GLN H 6 -35.82 -19.34 4.43
C GLN H 6 -34.42 -18.70 4.23
N ALA H 7 -34.42 -17.39 3.99
CA ALA H 7 -33.21 -16.64 3.74
C ALA H 7 -32.30 -16.65 4.98
N THR H 8 -32.90 -16.52 6.17
CA THR H 8 -32.17 -16.53 7.41
C THR H 8 -31.51 -17.89 7.66
N LYS H 9 -32.23 -18.99 7.37
CA LYS H 9 -31.65 -20.33 7.43
C LYS H 9 -30.44 -20.50 6.51
N GLU H 10 -30.50 -19.88 5.33
CA GLU H 10 -29.43 -19.97 4.35
C GLU H 10 -28.20 -19.17 4.81
N ILE H 11 -28.43 -18.02 5.45
CA ILE H 11 -27.37 -17.23 6.04
C ILE H 11 -26.71 -18.04 7.15
N ALA H 12 -27.51 -18.69 7.99
CA ALA H 12 -27.02 -19.55 9.07
C ALA H 12 -26.06 -20.62 8.54
N GLN H 13 -26.48 -21.31 7.47
CA GLN H 13 -25.70 -22.39 6.87
C GLN H 13 -24.37 -21.85 6.28
N ALA H 14 -24.45 -20.73 5.57
CA ALA H 14 -23.29 -20.13 4.93
C ALA H 14 -22.29 -19.63 5.99
N THR H 15 -22.79 -19.03 7.05
N THR H 15 -22.79 -19.02 7.06
CA THR H 15 -21.95 -18.56 8.13
CA THR H 15 -21.94 -18.55 8.14
C THR H 15 -21.23 -19.71 8.85
C THR H 15 -21.23 -19.71 8.85
N LYS H 16 -21.89 -20.87 8.97
CA LYS H 16 -21.22 -22.05 9.50
C LYS H 16 -20.07 -22.51 8.61
N GLU H 17 -20.26 -22.49 7.29
CA GLU H 17 -19.22 -22.84 6.35
C GLU H 17 -18.04 -21.84 6.39
N ILE H 18 -18.34 -20.55 6.57
CA ILE H 18 -17.33 -19.54 6.75
C ILE H 18 -16.54 -19.79 8.03
N ALA H 19 -17.23 -20.15 9.11
CA ALA H 19 -16.56 -20.46 10.37
C ALA H 19 -15.55 -21.60 10.20
N LYS H 20 -15.97 -22.68 9.53
CA LYS H 20 -15.11 -23.82 9.32
C LYS H 20 -13.88 -23.43 8.48
N ALA H 21 -14.09 -22.68 7.40
CA ALA H 21 -13.00 -22.28 6.53
C ALA H 21 -12.03 -21.31 7.24
N THR H 22 -12.59 -20.42 8.06
CA THR H 22 -11.79 -19.43 8.76
C THR H 22 -10.90 -20.10 9.79
N LYS H 23 -11.41 -21.13 10.45
CA LYS H 23 -10.58 -21.92 11.34
C LYS H 23 -9.41 -22.58 10.64
N GLU H 24 -9.64 -23.08 9.41
CA GLU H 24 -8.53 -23.63 8.63
C GLU H 24 -7.50 -22.58 8.21
N ILE H 25 -7.95 -21.38 7.87
CA ILE H 25 -7.03 -20.29 7.52
C ILE H 25 -6.18 -19.96 8.76
N ALA H 26 -6.80 -19.96 9.94
CA ALA H 26 -6.07 -19.63 11.17
C ALA H 26 -4.99 -20.67 11.43
N TRP H 27 -5.34 -21.96 11.28
CA TRP H 27 -4.38 -23.02 11.43
C TRP H 27 -3.23 -22.91 10.44
N ALA H 28 -3.54 -22.71 9.17
CA ALA H 28 -2.51 -22.60 8.18
C ALA H 28 -1.60 -21.35 8.36
N THR H 29 -2.20 -20.23 8.76
N THR H 29 -2.20 -20.23 8.76
CA THR H 29 -1.42 -19.00 8.96
CA THR H 29 -1.41 -19.01 8.94
C THR H 29 -0.49 -19.16 10.19
C THR H 29 -0.48 -19.17 10.18
N LYS H 30 -0.97 -19.84 11.22
CA LYS H 30 -0.10 -20.18 12.36
C LYS H 30 1.05 -21.07 11.96
N GLU H 31 0.83 -22.03 11.05
CA GLU H 31 1.95 -22.84 10.58
C GLU H 31 2.94 -21.99 9.80
N ILE H 32 2.45 -21.06 8.98
CA ILE H 32 3.36 -20.16 8.27
C ILE H 32 4.18 -19.34 9.26
N ALA H 33 3.51 -18.79 10.28
CA ALA H 33 4.22 -17.98 11.29
C ALA H 33 5.32 -18.81 12.01
N GLN H 34 5.01 -20.06 12.32
CA GLN H 34 5.95 -20.92 13.04
C GLN H 34 7.15 -21.27 12.17
N ALA H 35 6.94 -21.48 10.86
CA ALA H 35 8.04 -21.72 9.93
C ALA H 35 8.94 -20.49 9.76
N THR H 36 8.36 -19.28 9.73
CA THR H 36 9.14 -18.04 9.51
C THR H 36 10.06 -17.78 10.72
N LYS H 37 9.97 -18.62 11.74
CA LYS H 37 10.84 -18.59 12.94
C LYS H 37 10.93 -20.03 13.49
N GLY I 2 -41.88 -7.02 2.07
CA GLY I 2 -41.28 -6.98 0.71
C GLY I 2 -39.80 -6.62 0.78
N GLU I 3 -39.50 -5.53 1.49
CA GLU I 3 -38.20 -4.88 1.51
C GLU I 3 -37.16 -5.57 2.39
N ILE I 4 -37.59 -6.01 3.59
CA ILE I 4 -36.78 -6.79 4.50
C ILE I 4 -36.46 -8.14 3.86
N ALA I 5 -37.47 -8.74 3.22
CA ALA I 5 -37.34 -10.00 2.52
C ALA I 5 -36.29 -9.92 1.40
N GLN I 6 -36.33 -8.82 0.63
CA GLN I 6 -35.42 -8.62 -0.49
C GLN I 6 -33.97 -8.51 0.01
N ALA I 7 -33.77 -7.67 1.02
CA ALA I 7 -32.46 -7.42 1.58
C ALA I 7 -31.89 -8.67 2.23
N THR I 8 -32.74 -9.44 2.91
CA THR I 8 -32.33 -10.68 3.55
C THR I 8 -31.88 -11.73 2.52
N LYS I 9 -32.62 -11.83 1.41
N LYS I 9 -32.62 -11.83 1.41
CA LYS I 9 -32.21 -12.69 0.30
CA LYS I 9 -32.21 -12.69 0.30
C LYS I 9 -30.84 -12.32 -0.28
C LYS I 9 -30.84 -12.31 -0.27
N GLU I 10 -30.56 -11.02 -0.33
CA GLU I 10 -29.31 -10.51 -0.87
C GLU I 10 -28.14 -10.83 0.07
N ILE I 11 -28.39 -10.72 1.38
CA ILE I 11 -27.42 -11.09 2.38
C ILE I 11 -27.11 -12.58 2.27
N ALA I 12 -28.17 -13.40 2.11
CA ALA I 12 -28.01 -14.84 1.95
C ALA I 12 -27.09 -15.18 0.76
N GLN I 13 -27.33 -14.53 -0.38
CA GLN I 13 -26.57 -14.78 -1.59
C GLN I 13 -25.09 -14.36 -1.41
N ALA I 14 -24.87 -13.18 -0.81
CA ALA I 14 -23.54 -12.65 -0.62
C ALA I 14 -22.74 -13.52 0.37
N THR I 15 -23.41 -13.98 1.45
CA THR I 15 -22.77 -14.84 2.42
CA THR I 15 -22.77 -14.84 2.42
C THR I 15 -22.37 -16.19 1.81
N LYS I 16 -23.18 -16.72 0.89
CA LYS I 16 -22.79 -17.92 0.16
C LYS I 16 -21.53 -17.72 -0.68
N GLU I 17 -21.43 -16.56 -1.34
CA GLU I 17 -20.25 -16.24 -2.13
C GLU I 17 -19.00 -16.08 -1.23
N ILE I 18 -19.16 -15.50 -0.05
CA ILE I 18 -18.10 -15.38 0.93
C ILE I 18 -17.66 -16.77 1.39
N ALA I 19 -18.63 -17.67 1.64
CA ALA I 19 -18.29 -19.04 2.01
C ALA I 19 -17.41 -19.72 0.96
N LYS I 20 -17.81 -19.61 -0.30
CA LYS I 20 -17.08 -20.24 -1.39
C LYS I 20 -15.65 -19.66 -1.49
N ALA I 21 -15.53 -18.34 -1.41
CA ALA I 21 -14.23 -17.71 -1.53
C ALA I 21 -13.33 -18.04 -0.34
N THR I 22 -13.91 -18.13 0.86
CA THR I 22 -13.16 -18.41 2.03
C THR I 22 -12.60 -19.82 2.02
N LYS I 23 -13.38 -20.76 1.47
CA LYS I 23 -12.88 -22.11 1.27
C LYS I 23 -11.68 -22.16 0.34
N GLU I 24 -11.71 -21.33 -0.73
CA GLU I 24 -10.55 -21.27 -1.62
C GLU I 24 -9.31 -20.63 -0.94
N ILE I 25 -9.53 -19.62 -0.08
CA ILE I 25 -8.44 -19.00 0.65
C ILE I 25 -7.80 -20.06 1.57
N ALA I 26 -8.64 -20.88 2.19
CA ALA I 26 -8.13 -21.90 3.11
C ALA I 26 -7.25 -22.91 2.37
N TRP I 27 -7.74 -23.37 1.20
CA TRP I 27 -6.97 -24.26 0.38
C TRP I 27 -5.64 -23.66 -0.05
N ALA I 28 -5.68 -22.43 -0.57
CA ALA I 28 -4.47 -21.81 -1.05
C ALA I 28 -3.47 -21.52 0.10
N THR I 29 -3.98 -21.11 1.27
CA THR I 29 -3.10 -20.81 2.40
CA THR I 29 -3.10 -20.82 2.40
C THR I 29 -2.42 -22.09 2.92
N LYS I 30 -3.17 -23.20 2.92
N LYS I 30 -3.16 -23.20 2.93
CA LYS I 30 -2.56 -24.49 3.26
CA LYS I 30 -2.56 -24.48 3.25
C LYS I 30 -1.46 -24.88 2.30
C LYS I 30 -1.44 -24.87 2.30
N GLU I 31 -1.66 -24.63 0.99
CA GLU I 31 -0.60 -24.94 0.03
C GLU I 31 0.63 -24.05 0.29
N ILE I 32 0.41 -22.76 0.59
CA ILE I 32 1.52 -21.89 0.89
C ILE I 32 2.27 -22.40 2.13
N ALA I 33 1.53 -22.76 3.17
CA ALA I 33 2.16 -23.23 4.42
C ALA I 33 3.00 -24.48 4.19
N GLN I 34 2.49 -25.39 3.35
CA GLN I 34 3.20 -26.63 3.09
C GLN I 34 4.49 -26.38 2.33
N ALA I 35 4.46 -25.44 1.38
CA ALA I 35 5.68 -25.09 0.64
C ALA I 35 6.73 -24.39 1.52
N THR I 36 6.30 -23.54 2.47
CA THR I 36 7.24 -22.81 3.32
C THR I 36 7.98 -23.76 4.28
N LYS I 37 7.63 -25.05 4.22
CA LYS I 37 8.32 -26.07 5.00
C LYS I 37 9.70 -26.36 4.40
N GLY J 2 -38.60 1.87 6.87
CA GLY J 2 -37.29 2.22 7.48
C GLY J 2 -37.03 1.55 8.82
N GLU J 3 -36.05 2.08 9.55
CA GLU J 3 -35.43 1.46 10.74
C GLU J 3 -34.66 0.15 10.53
N ILE J 4 -35.34 -0.96 10.81
CA ILE J 4 -34.79 -2.30 10.65
C ILE J 4 -34.56 -2.55 9.17
N ALA J 5 -35.51 -2.13 8.34
CA ALA J 5 -35.40 -2.20 6.88
C ALA J 5 -34.18 -1.47 6.33
N GLN J 6 -33.93 -0.27 6.86
CA GLN J 6 -32.82 0.56 6.40
C GLN J 6 -31.48 -0.12 6.76
N ALA J 7 -31.37 -0.58 8.01
CA ALA J 7 -30.16 -1.20 8.51
C ALA J 7 -29.89 -2.51 7.77
N THR J 8 -30.95 -3.28 7.49
CA THR J 8 -30.83 -4.53 6.77
C THR J 8 -30.34 -4.32 5.33
N LYS J 9 -30.86 -3.28 4.66
CA LYS J 9 -30.37 -2.89 3.34
C LYS J 9 -28.87 -2.54 3.34
N GLU J 10 -28.41 -1.90 4.43
CA GLU J 10 -27.03 -1.49 4.56
C GLU J 10 -26.12 -2.71 4.79
N ILE J 11 -26.61 -3.67 5.56
CA ILE J 11 -25.92 -4.93 5.78
C ILE J 11 -25.79 -5.65 4.44
N ALA J 12 -26.87 -5.70 3.67
CA ALA J 12 -26.88 -6.33 2.35
C ALA J 12 -25.79 -5.75 1.45
N GLN J 13 -25.70 -4.41 1.41
CA GLN J 13 -24.74 -3.71 0.55
C GLN J 13 -23.28 -4.02 1.00
N ALA J 14 -23.04 -3.95 2.32
CA ALA J 14 -21.74 -4.16 2.88
C ALA J 14 -21.28 -5.63 2.66
N THR J 15 -22.20 -6.58 2.83
N THR J 15 -22.19 -6.59 2.84
CA THR J 15 -21.89 -7.97 2.62
CA THR J 15 -21.90 -7.99 2.62
C THR J 15 -21.55 -8.27 1.16
C THR J 15 -21.55 -8.27 1.16
N LYS J 16 -22.20 -7.58 0.21
CA LYS J 16 -21.84 -7.70 -1.19
C LYS J 16 -20.41 -7.21 -1.46
N GLU J 17 -20.03 -6.10 -0.84
CA GLU J 17 -18.68 -5.58 -0.97
C GLU J 17 -17.63 -6.54 -0.36
N ILE J 18 -17.97 -7.16 0.76
CA ILE J 18 -17.12 -8.17 1.38
C ILE J 18 -16.98 -9.38 0.45
N ALA J 19 -18.07 -9.80 -0.19
CA ALA J 19 -18.03 -10.91 -1.14
C ALA J 19 -17.06 -10.63 -2.28
N LYS J 20 -17.15 -9.43 -2.86
CA LYS J 20 -16.30 -9.07 -3.96
C LYS J 20 -14.82 -9.04 -3.53
N ALA J 21 -14.53 -8.46 -2.36
CA ALA J 21 -13.16 -8.37 -1.88
C ALA J 21 -12.60 -9.75 -1.54
N THR J 22 -13.42 -10.62 -0.97
CA THR J 22 -13.00 -11.93 -0.56
CA THR J 22 -12.99 -11.93 -0.56
C THR J 22 -12.65 -12.79 -1.79
N LYS J 23 -13.42 -12.62 -2.86
CA LYS J 23 -13.08 -13.28 -4.11
C LYS J 23 -11.74 -12.84 -4.66
N GLU J 24 -11.42 -11.55 -4.55
CA GLU J 24 -10.10 -11.07 -4.96
C GLU J 24 -8.96 -11.61 -4.09
N ILE J 25 -9.21 -11.75 -2.77
CA ILE J 25 -8.21 -12.32 -1.89
C ILE J 25 -7.95 -13.77 -2.30
N ALA J 26 -9.02 -14.49 -2.63
CA ALA J 26 -8.88 -15.89 -3.02
C ALA J 26 -8.07 -16.02 -4.28
N TRP J 27 -8.36 -15.18 -5.28
CA TRP J 27 -7.58 -15.16 -6.52
C TRP J 27 -6.14 -14.87 -6.28
N ALA J 28 -5.84 -13.81 -5.51
CA ALA J 28 -4.46 -13.45 -5.27
C ALA J 28 -3.71 -14.51 -4.43
N THR J 29 -4.38 -15.13 -3.47
CA THR J 29 -3.74 -16.16 -2.63
CA THR J 29 -3.74 -16.16 -2.64
C THR J 29 -3.44 -17.42 -3.48
N LYS J 30 -4.33 -17.74 -4.40
CA LYS J 30 -4.08 -18.83 -5.36
C LYS J 30 -2.87 -18.53 -6.23
N GLU J 31 -2.72 -17.27 -6.67
CA GLU J 31 -1.53 -16.94 -7.46
C GLU J 31 -0.28 -17.06 -6.60
N ILE J 32 -0.34 -16.64 -5.33
CA ILE J 32 0.83 -16.77 -4.45
C ILE J 32 1.16 -18.26 -4.29
N ALA J 33 0.15 -19.10 -4.07
CA ALA J 33 0.40 -20.56 -3.93
C ALA J 33 1.08 -21.15 -5.18
N GLN J 34 0.62 -20.71 -6.35
CA GLN J 34 1.16 -21.23 -7.61
C GLN J 34 2.62 -20.78 -7.81
N ALA J 35 2.95 -19.55 -7.42
CA ALA J 35 4.33 -19.06 -7.48
C ALA J 35 5.27 -19.81 -6.50
N THR J 36 4.78 -20.15 -5.30
CA THR J 36 5.61 -20.84 -4.29
C THR J 36 5.95 -22.26 -4.76
N LYS J 37 5.43 -22.67 -5.91
CA LYS J 37 5.74 -23.96 -6.52
C LYS J 37 7.18 -23.93 -7.08
N GLY K 2 -37.29 -1.61 19.13
CA GLY K 2 -36.27 -0.67 19.67
C GLY K 2 -34.90 -1.35 19.76
N GLU K 3 -34.88 -2.53 20.41
CA GLU K 3 -33.67 -3.28 20.72
C GLU K 3 -33.06 -4.03 19.53
N ILE K 4 -33.93 -4.68 18.74
CA ILE K 4 -33.55 -5.36 17.51
C ILE K 4 -33.05 -4.33 16.52
N ALA K 5 -33.75 -3.20 16.44
CA ALA K 5 -33.36 -2.08 15.58
C ALA K 5 -31.96 -1.55 15.91
N GLN K 6 -31.68 -1.41 17.21
CA GLN K 6 -30.39 -0.87 17.68
C GLN K 6 -29.25 -1.85 17.31
N ALA K 7 -29.46 -3.13 17.59
CA ALA K 7 -28.48 -4.17 17.33
C ALA K 7 -28.23 -4.30 15.83
N THR K 8 -29.29 -4.21 15.02
CA THR K 8 -29.19 -4.30 13.57
C THR K 8 -28.39 -3.13 12.99
N LYS K 9 -28.61 -1.91 13.51
CA LYS K 9 -27.80 -0.75 13.14
C LYS K 9 -26.31 -0.94 13.44
N GLU K 10 -26.02 -1.60 14.57
CA GLU K 10 -24.65 -1.83 14.99
C GLU K 10 -23.97 -2.88 14.08
N ILE K 11 -24.74 -3.91 13.67
CA ILE K 11 -24.27 -4.89 12.73
C ILE K 11 -23.95 -4.22 11.40
N ALA K 12 -24.86 -3.34 10.95
CA ALA K 12 -24.66 -2.58 9.71
C ALA K 12 -23.34 -1.80 9.73
N GLN K 13 -23.07 -1.10 10.84
CA GLN K 13 -21.87 -0.29 10.98
C GLN K 13 -20.60 -1.18 10.98
N ALA K 14 -20.64 -2.28 11.73
CA ALA K 14 -19.52 -3.18 11.84
C ALA K 14 -19.22 -3.86 10.49
N THR K 15 -20.27 -4.26 9.77
N THR K 15 -20.28 -4.26 9.77
CA THR K 15 -20.10 -4.87 8.45
CA THR K 15 -20.12 -4.88 8.47
C THR K 15 -19.50 -3.89 7.45
C THR K 15 -19.51 -3.90 7.44
N LYS K 16 -19.84 -2.60 7.55
CA LYS K 16 -19.20 -1.59 6.71
C LYS K 16 -17.68 -1.49 6.99
N GLU K 17 -17.30 -1.55 8.27
CA GLU K 17 -15.92 -1.52 8.65
C GLU K 17 -15.15 -2.78 8.16
N ILE K 18 -15.80 -3.94 8.21
CA ILE K 18 -15.25 -5.17 7.68
C ILE K 18 -15.07 -5.06 6.17
N ALA K 19 -16.04 -4.47 5.47
CA ALA K 19 -15.91 -4.26 4.03
C ALA K 19 -14.68 -3.42 3.69
N LYS K 20 -14.49 -2.32 4.40
CA LYS K 20 -13.37 -1.44 4.14
C LYS K 20 -12.02 -2.18 4.40
N ALA K 21 -11.94 -2.91 5.51
CA ALA K 21 -10.72 -3.62 5.86
C ALA K 21 -10.42 -4.75 4.85
N THR K 22 -11.47 -5.42 4.40
CA THR K 22 -11.32 -6.54 3.50
C THR K 22 -10.82 -6.06 2.14
N LYS K 23 -11.30 -4.90 1.71
CA LYS K 23 -10.78 -4.29 0.50
C LYS K 23 -9.30 -3.97 0.59
N GLU K 24 -8.84 -3.50 1.75
CA GLU K 24 -7.41 -3.28 1.94
C GLU K 24 -6.58 -4.58 1.93
N ILE K 25 -7.13 -5.64 2.50
CA ILE K 25 -6.45 -6.93 2.47
C ILE K 25 -6.32 -7.39 1.02
N ALA K 26 -7.38 -7.18 0.24
CA ALA K 26 -7.36 -7.60 -1.17
C ALA K 26 -6.30 -6.85 -1.93
N TRP K 27 -6.23 -5.54 -1.74
CA TRP K 27 -5.19 -4.74 -2.36
C TRP K 27 -3.79 -5.18 -1.97
N ALA K 28 -3.55 -5.38 -0.67
CA ALA K 28 -2.25 -5.78 -0.23
C ALA K 28 -1.86 -7.21 -0.72
N THR K 29 -2.83 -8.12 -0.75
N THR K 29 -2.85 -8.11 -0.76
CA THR K 29 -2.55 -9.50 -1.21
CA THR K 29 -2.56 -9.48 -1.22
C THR K 29 -2.23 -9.49 -2.72
C THR K 29 -2.23 -9.49 -2.72
N LYS K 30 -2.93 -8.66 -3.48
CA LYS K 30 -2.62 -8.49 -4.90
C LYS K 30 -1.21 -7.93 -5.09
N GLU K 31 -0.77 -7.00 -4.24
CA GLU K 31 0.60 -6.52 -4.35
C GLU K 31 1.59 -7.63 -4.04
N ILE K 32 1.29 -8.46 -3.03
CA ILE K 32 2.18 -9.58 -2.72
C ILE K 32 2.25 -10.52 -3.92
N ALA K 33 1.08 -10.85 -4.51
CA ALA K 33 1.06 -11.75 -5.68
C ALA K 33 1.92 -11.21 -6.84
N GLN K 34 1.82 -9.90 -7.07
CA GLN K 34 2.54 -9.27 -8.18
C GLN K 34 4.04 -9.28 -7.94
N ALA K 35 4.47 -9.08 -6.69
CA ALA K 35 5.88 -9.14 -6.34
C ALA K 35 6.45 -10.57 -6.47
N THR K 36 5.67 -11.59 -6.10
CA THR K 36 6.14 -12.99 -6.13
C THR K 36 6.36 -13.44 -7.59
N LYS K 37 6.03 -12.58 -8.54
CA LYS K 37 6.28 -12.84 -9.97
C LYS K 37 7.78 -12.72 -10.27
N GLY L 2 -37.54 -11.19 22.65
CA GLY L 2 -36.61 -11.40 23.81
C GLY L 2 -35.38 -12.21 23.38
N GLU L 3 -35.66 -13.37 22.75
CA GLU L 3 -34.65 -14.31 22.27
C GLU L 3 -33.97 -13.90 20.98
N ILE L 4 -34.75 -13.38 20.03
CA ILE L 4 -34.26 -12.82 18.78
C ILE L 4 -33.39 -11.60 19.09
N ALA L 5 -33.88 -10.76 20.02
CA ALA L 5 -33.15 -9.59 20.48
C ALA L 5 -31.78 -9.94 21.08
N GLN L 6 -31.75 -11.00 21.89
CA GLN L 6 -30.52 -11.44 22.56
C GLN L 6 -29.50 -11.93 21.51
N ALA L 7 -29.95 -12.76 20.58
CA ALA L 7 -29.11 -13.32 19.55
C ALA L 7 -28.59 -12.23 18.61
N THR L 8 -29.45 -11.26 18.28
CA THR L 8 -29.06 -10.15 17.44
C THR L 8 -27.98 -9.28 18.10
N LYS L 9 -28.11 -9.02 19.40
CA LYS L 9 -27.08 -8.33 20.19
C LYS L 9 -25.73 -9.07 20.15
N GLU L 10 -25.78 -10.40 20.20
CA GLU L 10 -24.59 -11.24 20.19
C GLU L 10 -23.90 -11.19 18.81
N ILE L 11 -24.70 -11.17 17.74
CA ILE L 11 -24.19 -11.02 16.40
C ILE L 11 -23.50 -9.67 16.27
N ALA L 12 -24.15 -8.61 16.79
CA ALA L 12 -23.59 -7.26 16.79
C ALA L 12 -22.20 -7.23 17.44
N GLN L 13 -22.08 -7.84 18.62
CA GLN L 13 -20.84 -7.87 19.37
C GLN L 13 -19.73 -8.66 18.60
N ALA L 14 -20.09 -9.80 18.05
CA ALA L 14 -19.16 -10.64 17.32
C ALA L 14 -18.69 -9.94 16.03
N THR L 15 -19.59 -9.28 15.33
CA THR L 15 -19.25 -8.55 14.13
C THR L 15 -18.30 -7.37 14.43
N LYS L 16 -18.47 -6.72 15.58
CA LYS L 16 -17.52 -5.70 16.00
C LYS L 16 -16.12 -6.26 16.23
N GLU L 17 -16.03 -7.44 16.85
CA GLU L 17 -14.76 -8.10 17.07
C GLU L 17 -14.10 -8.52 15.75
N ILE L 18 -14.90 -8.97 14.79
CA ILE L 18 -14.41 -9.29 13.45
C ILE L 18 -13.88 -8.04 12.78
N ALA L 19 -14.60 -6.92 12.91
CA ALA L 19 -14.14 -5.65 12.33
C ALA L 19 -12.74 -5.27 12.86
N LYS L 20 -12.57 -5.35 14.19
CA LYS L 20 -11.32 -4.97 14.79
C LYS L 20 -10.18 -5.92 14.31
N ALA L 21 -10.44 -7.22 14.27
CA ALA L 21 -9.42 -8.18 13.86
C ALA L 21 -9.08 -8.02 12.38
N THR L 22 -10.07 -7.72 11.55
CA THR L 22 -9.87 -7.59 10.12
CA THR L 22 -9.85 -7.60 10.11
C THR L 22 -9.02 -6.36 9.82
N LYS L 23 -9.22 -5.29 10.60
CA LYS L 23 -8.36 -4.13 10.48
C LYS L 23 -6.91 -4.43 10.81
N GLU L 24 -6.68 -5.28 11.82
CA GLU L 24 -5.30 -5.69 12.13
C GLU L 24 -4.68 -6.56 11.03
N ILE L 25 -5.50 -7.43 10.41
CA ILE L 25 -5.00 -8.25 9.32
C ILE L 25 -4.61 -7.33 8.16
N ALA L 26 -5.40 -6.29 7.90
CA ALA L 26 -5.11 -5.38 6.80
C ALA L 26 -3.78 -4.66 7.04
N TRP L 27 -3.60 -4.15 8.26
CA TRP L 27 -2.34 -3.53 8.62
C TRP L 27 -1.15 -4.46 8.45
N ALA L 28 -1.27 -5.68 8.99
CA ALA L 28 -0.16 -6.61 8.94
C ALA L 28 0.14 -7.07 7.50
N THR L 29 -0.91 -7.28 6.69
CA THR L 29 -0.70 -7.72 5.31
CA THR L 29 -0.70 -7.75 5.32
C THR L 29 -0.04 -6.62 4.48
N LYS L 30 -0.41 -5.36 4.74
CA LYS L 30 0.28 -4.24 4.10
C LYS L 30 1.75 -4.19 4.45
N GLU L 31 2.08 -4.44 5.72
CA GLU L 31 3.49 -4.45 6.10
C GLU L 31 4.23 -5.59 5.37
N ILE L 32 3.59 -6.77 5.28
CA ILE L 32 4.21 -7.87 4.58
C ILE L 32 4.43 -7.50 3.12
N ALA L 33 3.42 -6.92 2.48
CA ALA L 33 3.52 -6.55 1.06
C ALA L 33 4.64 -5.56 0.82
N GLN L 34 4.81 -4.60 1.73
CA GLN L 34 5.83 -3.57 1.57
C GLN L 34 7.22 -4.17 1.70
N ALA L 35 7.40 -5.12 2.63
CA ALA L 35 8.68 -5.81 2.77
C ALA L 35 9.03 -6.68 1.55
N THR L 36 8.03 -7.36 0.96
CA THR L 36 8.28 -8.26 -0.18
C THR L 36 8.72 -7.48 -1.42
N LYS L 37 8.76 -6.14 -1.30
CA LYS L 37 9.13 -5.21 -2.36
C LYS L 37 8.21 -5.26 -3.59
#